data_5WVA
#
_entry.id   5WVA
#
_cell.length_a   83.925
_cell.length_b   83.925
_cell.length_c   115.038
_cell.angle_alpha   90.00
_cell.angle_beta   90.00
_cell.angle_gamma   90.00
#
_symmetry.space_group_name_H-M   'P 41 21 2'
#
loop_
_entity.id
_entity.type
_entity.pdbx_description
1 polymer 'Short-chain dehydrogenase'
2 water water
#
_entity_poly.entity_id   1
_entity_poly.type   'polypeptide(L)'
_entity_poly.pdbx_seq_one_letter_code
;MHHHHHHSSGLVPRGSGMKETAAAKFERQHMDSPDLGTMTTAHPLQGKVAFVQGGSRGIGAAIVKRLASEGAAVAFTYAA
SADRAEAVASAVTTAGGKVLAIKADSADAAALQQAVRQAVSHFGNLDILVNNAGVYTLGGTEELALDDLDRMLAVNVRSV
FVASQEAARHMNDGGRIIHIGSTNAERVPFGGAAVYAMSKSALVGLTKGMARDLGPRSITVNNVQPGPVDTEMNPDAGEY
ADQLKQLMAIGRYGKDEEIAGFVAYLAGPQAGYITGASLSIDGGFSA
;
_entity_poly.pdbx_strand_id   A,B
#
# COMPACT_ATOMS: atom_id res chain seq x y z
N HIS A 43 -10.44 10.61 -14.44
CA HIS A 43 -11.54 9.68 -13.99
C HIS A 43 -11.11 8.27 -14.28
N PRO A 44 -10.16 7.72 -13.45
CA PRO A 44 -9.62 6.44 -13.69
C PRO A 44 -10.56 5.26 -13.50
N LEU A 45 -11.71 5.53 -12.86
CA LEU A 45 -12.73 4.55 -12.69
C LEU A 45 -14.00 4.80 -13.50
N GLN A 46 -13.91 5.64 -14.56
CA GLN A 46 -15.07 5.87 -15.39
C GLN A 46 -15.61 4.57 -15.94
N GLY A 47 -16.94 4.43 -15.81
CA GLY A 47 -17.57 3.24 -16.30
C GLY A 47 -17.64 2.04 -15.37
N LYS A 48 -16.91 2.14 -14.22
CA LYS A 48 -16.78 1.03 -13.31
C LYS A 48 -17.94 1.09 -12.30
N VAL A 49 -18.21 -0.05 -11.73
CA VAL A 49 -19.26 -0.24 -10.70
C VAL A 49 -18.58 -0.78 -9.42
N ALA A 50 -18.78 -0.05 -8.31
CA ALA A 50 -18.18 -0.53 -7.07
C ALA A 50 -19.27 -0.81 -6.03
N PHE A 51 -19.00 -1.76 -5.17
CA PHE A 51 -19.85 -2.16 -4.03
C PHE A 51 -19.01 -1.90 -2.77
N VAL A 52 -19.48 -1.11 -1.82
CA VAL A 52 -18.75 -0.85 -0.53
C VAL A 52 -19.55 -1.34 0.62
N GLN A 53 -19.10 -2.39 1.32
CA GLN A 53 -19.81 -2.94 2.45
C GLN A 53 -19.47 -2.00 3.58
N GLY A 54 -20.35 -1.20 4.19
CA GLY A 54 -20.13 -0.30 5.30
C GLY A 54 -19.63 1.00 4.69
N GLY A 55 -20.48 1.72 3.97
CA GLY A 55 -20.17 2.97 3.34
C GLY A 55 -20.70 4.27 3.89
N SER A 56 -21.34 4.24 5.05
CA SER A 56 -22.13 5.42 5.54
C SER A 56 -21.37 6.34 6.49
N ARG A 57 -20.29 5.86 7.02
CA ARG A 57 -19.57 6.67 8.00
C ARG A 57 -18.08 6.47 7.85
N GLY A 58 -17.32 7.33 8.53
CA GLY A 58 -15.87 7.22 8.56
C GLY A 58 -15.20 6.87 7.26
N ILE A 59 -14.36 5.88 7.41
CA ILE A 59 -13.54 5.40 6.35
C ILE A 59 -14.44 4.98 5.16
N GLY A 60 -15.60 4.32 5.48
CA GLY A 60 -16.39 3.81 4.39
C GLY A 60 -17.04 4.92 3.58
N ALA A 61 -17.42 6.01 4.23
CA ALA A 61 -17.94 7.13 3.52
C ALA A 61 -16.95 7.83 2.65
N ALA A 62 -15.70 7.93 3.19
CA ALA A 62 -14.65 8.52 2.37
C ALA A 62 -14.29 7.65 1.11
N ILE A 63 -14.32 6.31 1.27
CA ILE A 63 -14.13 5.42 0.19
C ILE A 63 -15.22 5.61 -0.88
N VAL A 64 -16.49 5.61 -0.41
CA VAL A 64 -17.57 5.86 -1.35
C VAL A 64 -17.39 7.15 -2.14
N LYS A 65 -17.12 8.21 -1.44
CA LYS A 65 -16.97 9.50 -2.11
C LYS A 65 -15.80 9.46 -3.03
N ARG A 66 -14.59 8.90 -2.62
CA ARG A 66 -13.43 8.89 -3.57
C ARG A 66 -13.66 8.04 -4.79
N LEU A 67 -14.29 6.83 -4.67
CA LEU A 67 -14.49 6.02 -5.82
C LEU A 67 -15.46 6.72 -6.78
N ALA A 68 -16.47 7.35 -6.22
CA ALA A 68 -17.43 8.10 -7.13
C ALA A 68 -16.74 9.25 -7.79
N SER A 69 -15.87 9.96 -7.07
CA SER A 69 -15.14 11.14 -7.63
C SER A 69 -14.29 10.68 -8.80
N GLU A 70 -13.76 9.48 -8.75
CA GLU A 70 -12.96 8.90 -9.84
C GLU A 70 -13.77 8.30 -10.98
N GLY A 71 -15.09 8.33 -10.92
CA GLY A 71 -15.94 7.92 -12.01
C GLY A 71 -16.80 6.70 -11.80
N ALA A 72 -16.62 5.97 -10.68
CA ALA A 72 -17.38 4.77 -10.46
C ALA A 72 -18.80 5.08 -10.04
N ALA A 73 -19.74 4.23 -10.43
CA ALA A 73 -21.03 4.17 -9.82
C ALA A 73 -20.88 3.33 -8.60
N VAL A 74 -21.46 3.76 -7.47
CA VAL A 74 -21.22 3.13 -6.14
C VAL A 74 -22.50 2.71 -5.47
N ALA A 75 -22.58 1.44 -5.16
CA ALA A 75 -23.56 0.89 -4.23
C ALA A 75 -22.87 0.72 -2.92
N PHE A 76 -23.52 1.03 -1.81
CA PHE A 76 -22.96 0.82 -0.51
C PHE A 76 -24.00 0.35 0.48
N THR A 77 -23.62 -0.39 1.48
CA THR A 77 -24.46 -0.85 2.54
C THR A 77 -24.24 0.04 3.78
N TYR A 78 -25.31 0.13 4.57
CA TYR A 78 -25.23 0.81 5.87
C TYR A 78 -26.06 -0.04 6.84
N ALA A 79 -25.62 -0.07 8.13
CA ALA A 79 -26.28 -0.88 9.08
C ALA A 79 -27.32 -0.10 9.92
N ALA A 80 -27.12 1.21 10.13
CA ALA A 80 -27.82 1.89 11.19
C ALA A 80 -28.67 3.04 10.80
N SER A 81 -28.05 4.02 10.16
CA SER A 81 -28.65 5.37 10.04
C SER A 81 -29.04 5.71 8.57
N ALA A 82 -30.33 5.77 8.27
CA ALA A 82 -30.71 6.22 6.96
C ALA A 82 -30.30 7.66 6.72
N ASP A 83 -30.33 8.53 7.75
CA ASP A 83 -29.94 9.91 7.51
C ASP A 83 -28.50 10.05 7.15
N ARG A 84 -27.63 9.27 7.79
CA ARG A 84 -26.21 9.31 7.47
C ARG A 84 -25.99 8.80 6.07
N ALA A 85 -26.65 7.72 5.74
CA ALA A 85 -26.47 7.19 4.41
C ALA A 85 -27.01 8.14 3.33
N GLU A 86 -28.11 8.85 3.64
CA GLU A 86 -28.68 9.79 2.71
C GLU A 86 -27.71 10.87 2.46
N ALA A 87 -26.98 11.36 3.45
CA ALA A 87 -26.00 12.38 3.29
C ALA A 87 -24.78 11.95 2.47
N VAL A 88 -24.32 10.69 2.66
CA VAL A 88 -23.28 10.20 1.80
C VAL A 88 -23.69 10.05 0.38
N ALA A 89 -24.92 9.59 0.19
CA ALA A 89 -25.45 9.51 -1.14
C ALA A 89 -25.54 10.87 -1.81
N SER A 90 -25.95 11.87 -1.06
CA SER A 90 -26.03 13.19 -1.62
C SER A 90 -24.69 13.74 -1.98
N ALA A 91 -23.68 13.39 -1.20
CA ALA A 91 -22.38 13.89 -1.53
C ALA A 91 -21.91 13.37 -2.87
N VAL A 92 -22.18 12.09 -3.17
CA VAL A 92 -21.89 11.51 -4.44
C VAL A 92 -22.71 12.23 -5.55
N THR A 93 -23.97 12.45 -5.32
CA THR A 93 -24.83 13.01 -6.34
C THR A 93 -24.54 14.51 -6.56
N THR A 94 -24.34 15.31 -5.51
CA THR A 94 -24.25 16.76 -5.70
C THR A 94 -23.10 17.04 -6.56
N ALA A 95 -22.09 16.16 -6.48
CA ALA A 95 -20.89 16.21 -7.30
C ALA A 95 -20.93 15.49 -8.69
N GLY A 96 -22.11 15.03 -9.11
CA GLY A 96 -22.30 14.34 -10.41
C GLY A 96 -22.09 12.83 -10.51
N GLY A 97 -22.03 12.10 -9.36
CA GLY A 97 -21.83 10.67 -9.40
C GLY A 97 -23.14 9.89 -9.19
N LYS A 98 -23.12 8.58 -9.47
CA LYS A 98 -24.31 7.65 -9.40
C LYS A 98 -24.15 6.80 -8.15
N VAL A 99 -25.20 6.72 -7.35
CA VAL A 99 -25.16 6.02 -6.07
C VAL A 99 -26.42 5.26 -5.75
N LEU A 100 -26.28 4.20 -5.00
CA LEU A 100 -27.35 3.38 -4.41
C LEU A 100 -26.97 3.08 -2.97
N ALA A 101 -27.77 3.42 -2.03
CA ALA A 101 -27.61 3.06 -0.63
C ALA A 101 -28.47 1.92 -0.25
N ILE A 102 -27.95 0.94 0.48
CA ILE A 102 -28.73 -0.28 0.79
C ILE A 102 -28.67 -0.54 2.30
N LYS A 103 -29.78 -0.55 3.02
CA LYS A 103 -29.69 -0.92 4.41
C LYS A 103 -29.47 -2.41 4.53
N ALA A 104 -28.45 -2.83 5.26
CA ALA A 104 -28.13 -4.26 5.46
C ALA A 104 -27.35 -4.46 6.74
N ASP A 105 -27.71 -5.47 7.47
CA ASP A 105 -27.02 -5.91 8.70
C ASP A 105 -25.85 -6.83 8.24
N SER A 106 -24.62 -6.45 8.52
CA SER A 106 -23.47 -7.33 8.15
C SER A 106 -23.36 -8.61 9.01
N ALA A 107 -24.17 -8.78 10.03
CA ALA A 107 -24.24 -10.06 10.68
C ALA A 107 -25.13 -11.07 9.89
N ASP A 108 -25.89 -10.63 8.88
CA ASP A 108 -26.93 -11.48 8.25
C ASP A 108 -26.45 -11.78 6.83
N ALA A 109 -26.07 -13.06 6.60
CA ALA A 109 -25.44 -13.44 5.31
C ALA A 109 -26.41 -13.29 4.19
N ALA A 110 -27.70 -13.64 4.42
CA ALA A 110 -28.73 -13.47 3.45
C ALA A 110 -28.85 -12.04 3.06
N ALA A 111 -28.77 -11.12 4.02
CA ALA A 111 -28.87 -9.74 3.68
C ALA A 111 -27.78 -9.29 2.82
N LEU A 112 -26.54 -9.73 3.06
CA LEU A 112 -25.43 -9.30 2.27
C LEU A 112 -25.55 -9.80 0.86
N GLN A 113 -25.94 -11.04 0.65
CA GLN A 113 -26.14 -11.65 -0.66
C GLN A 113 -27.25 -10.87 -1.42
N GLN A 114 -28.31 -10.54 -0.70
CA GLN A 114 -29.43 -9.77 -1.30
C GLN A 114 -28.93 -8.39 -1.71
N ALA A 115 -28.11 -7.76 -0.89
CA ALA A 115 -27.61 -6.44 -1.20
C ALA A 115 -26.75 -6.43 -2.45
N VAL A 116 -25.84 -7.42 -2.59
CA VAL A 116 -25.05 -7.52 -3.81
C VAL A 116 -25.97 -7.71 -5.00
N ARG A 117 -26.96 -8.62 -4.96
CA ARG A 117 -27.85 -8.78 -6.08
C ARG A 117 -28.63 -7.54 -6.44
N GLN A 118 -29.05 -6.76 -5.42
CA GLN A 118 -29.76 -5.55 -5.66
C GLN A 118 -28.88 -4.52 -6.32
N ALA A 119 -27.62 -4.40 -5.90
CA ALA A 119 -26.68 -3.57 -6.59
C ALA A 119 -26.50 -3.94 -8.06
N VAL A 120 -26.39 -5.20 -8.35
CA VAL A 120 -26.12 -5.63 -9.70
C VAL A 120 -27.40 -5.34 -10.57
N SER A 121 -28.60 -5.52 -10.01
CA SER A 121 -29.76 -5.14 -10.74
C SER A 121 -29.77 -3.67 -11.02
N HIS A 122 -29.22 -2.81 -10.14
CA HIS A 122 -29.27 -1.39 -10.28
C HIS A 122 -28.25 -0.89 -11.28
N PHE A 123 -27.02 -1.42 -11.26
CA PHE A 123 -25.89 -0.87 -11.97
C PHE A 123 -25.25 -1.82 -12.95
N GLY A 124 -25.51 -3.08 -12.88
CA GLY A 124 -24.90 -4.10 -13.70
C GLY A 124 -23.76 -4.76 -12.91
N ASN A 125 -23.00 -5.60 -13.56
CA ASN A 125 -21.93 -6.37 -12.92
C ASN A 125 -20.91 -5.47 -12.21
N LEU A 126 -20.43 -6.00 -11.09
CA LEU A 126 -19.46 -5.28 -10.33
C LEU A 126 -18.08 -5.32 -10.91
N ASP A 127 -17.34 -4.26 -10.72
CA ASP A 127 -15.87 -4.26 -10.89
C ASP A 127 -15.08 -4.29 -9.63
N ILE A 128 -15.64 -3.62 -8.60
CA ILE A 128 -14.89 -3.37 -7.34
C ILE A 128 -15.74 -3.77 -6.17
N LEU A 129 -15.16 -4.44 -5.21
CA LEU A 129 -15.77 -4.72 -3.87
C LEU A 129 -14.79 -4.20 -2.85
N VAL A 130 -15.29 -3.38 -1.92
CA VAL A 130 -14.52 -2.98 -0.71
C VAL A 130 -15.25 -3.46 0.50
N ASN A 131 -14.66 -4.31 1.32
CA ASN A 131 -15.23 -4.81 2.54
C ASN A 131 -14.74 -4.05 3.70
N ASN A 132 -15.57 -3.23 4.24
CA ASN A 132 -15.29 -2.32 5.37
C ASN A 132 -16.28 -2.38 6.46
N ALA A 133 -16.94 -3.42 6.67
CA ALA A 133 -17.65 -3.63 7.95
C ALA A 133 -16.61 -3.95 9.03
N GLY A 134 -16.93 -3.70 10.28
CA GLY A 134 -15.83 -3.86 11.23
C GLY A 134 -16.33 -3.53 12.59
N VAL A 135 -15.93 -4.34 13.52
CA VAL A 135 -16.38 -4.17 14.92
C VAL A 135 -15.07 -4.28 15.73
N TYR A 136 -14.76 -3.21 16.47
CA TYR A 136 -13.56 -3.13 17.36
C TYR A 136 -13.96 -3.08 18.83
N THR A 137 -13.99 -4.28 19.42
CA THR A 137 -14.34 -4.51 20.78
C THR A 137 -13.23 -5.21 21.52
N LEU A 138 -12.94 -4.68 22.71
CA LEU A 138 -11.86 -5.18 23.59
C LEU A 138 -12.41 -6.04 24.73
N GLY A 139 -11.64 -7.09 25.12
CA GLY A 139 -11.97 -7.98 26.22
C GLY A 139 -10.79 -8.98 26.38
N GLY A 140 -10.32 -9.15 27.57
CA GLY A 140 -9.33 -10.19 27.82
C GLY A 140 -9.75 -11.56 27.54
N THR A 141 -8.82 -12.45 27.28
CA THR A 141 -9.08 -13.78 27.06
C THR A 141 -9.98 -14.42 28.12
N GLU A 142 -9.70 -14.15 29.40
CA GLU A 142 -10.49 -14.82 30.40
C GLU A 142 -11.84 -14.17 30.61
N GLU A 143 -12.09 -13.00 30.04
CA GLU A 143 -13.33 -12.18 30.32
C GLU A 143 -14.28 -12.03 29.13
N LEU A 144 -13.82 -12.10 27.89
CA LEU A 144 -14.70 -11.75 26.74
C LEU A 144 -15.92 -12.64 26.72
N ALA A 145 -17.09 -12.04 26.49
CA ALA A 145 -18.33 -12.84 26.40
C ALA A 145 -18.48 -13.59 25.11
N LEU A 146 -18.95 -14.83 25.16
CA LEU A 146 -19.17 -15.77 24.02
C LEU A 146 -19.96 -15.13 22.86
N ASP A 147 -20.88 -14.22 23.19
CA ASP A 147 -21.63 -13.42 22.23
C ASP A 147 -20.78 -12.29 21.49
N ASP A 148 -19.95 -11.38 22.15
CA ASP A 148 -18.98 -10.42 21.52
C ASP A 148 -17.96 -11.11 20.59
N LEU A 149 -17.54 -12.27 20.96
CA LEU A 149 -16.70 -13.07 20.13
C LEU A 149 -17.50 -13.44 18.86
N ASP A 150 -18.65 -14.10 19.04
CA ASP A 150 -19.37 -14.73 17.91
C ASP A 150 -19.76 -13.58 16.95
N ARG A 151 -19.92 -12.34 17.20
CA ARG A 151 -20.10 -10.93 16.73
C ARG A 151 -18.92 -10.20 15.91
N MET A 152 -17.79 -10.00 16.51
CA MET A 152 -16.60 -9.85 15.71
C MET A 152 -16.40 -10.99 14.67
N LEU A 153 -16.62 -12.24 14.91
CA LEU A 153 -16.48 -13.34 13.96
C LEU A 153 -17.46 -13.03 12.81
N ALA A 154 -18.69 -12.78 13.15
CA ALA A 154 -19.71 -12.60 12.05
C ALA A 154 -19.44 -11.35 11.30
N VAL A 155 -19.10 -10.23 11.81
CA VAL A 155 -18.89 -9.03 11.02
C VAL A 155 -17.50 -9.05 10.34
N ASN A 156 -16.49 -9.46 11.08
CA ASN A 156 -15.10 -9.20 10.63
C ASN A 156 -14.59 -10.36 9.81
N VAL A 157 -15.14 -11.53 9.85
CA VAL A 157 -14.66 -12.70 9.14
C VAL A 157 -15.69 -13.26 8.23
N ARG A 158 -16.73 -13.78 8.72
CA ARG A 158 -17.76 -14.44 7.93
C ARG A 158 -18.44 -13.49 6.95
N SER A 159 -18.78 -12.33 7.28
CA SER A 159 -19.42 -11.58 6.27
C SER A 159 -18.46 -11.03 5.20
N VAL A 160 -17.16 -11.10 5.49
CA VAL A 160 -16.22 -10.64 4.47
C VAL A 160 -16.18 -11.76 3.44
N PHE A 161 -16.17 -13.00 3.84
CA PHE A 161 -16.15 -14.09 2.90
C PHE A 161 -17.49 -14.01 2.13
N VAL A 162 -18.59 -13.88 2.81
CA VAL A 162 -19.94 -14.00 2.19
C VAL A 162 -20.10 -12.88 1.12
N ALA A 163 -19.78 -11.65 1.40
CA ALA A 163 -19.85 -10.60 0.47
C ALA A 163 -18.90 -10.84 -0.70
N SER A 164 -17.76 -11.33 -0.46
CA SER A 164 -16.79 -11.60 -1.51
C SER A 164 -17.25 -12.69 -2.45
N GLN A 165 -17.85 -13.68 -1.91
CA GLN A 165 -18.29 -14.79 -2.75
C GLN A 165 -19.42 -14.24 -3.63
N GLU A 166 -20.34 -13.52 -3.10
CA GLU A 166 -21.47 -13.17 -3.91
C GLU A 166 -21.04 -12.14 -4.92
N ALA A 167 -20.11 -11.19 -4.57
CA ALA A 167 -19.57 -10.22 -5.48
C ALA A 167 -18.82 -10.94 -6.57
N ALA A 168 -17.95 -11.86 -6.26
CA ALA A 168 -17.20 -12.57 -7.28
C ALA A 168 -18.10 -13.24 -8.33
N ARG A 169 -19.20 -13.79 -7.86
CA ARG A 169 -20.22 -14.44 -8.77
C ARG A 169 -20.80 -13.40 -9.76
N HIS A 170 -20.74 -12.11 -9.46
CA HIS A 170 -21.26 -11.05 -10.25
C HIS A 170 -20.24 -9.98 -10.58
N MET A 171 -19.00 -10.36 -10.78
CA MET A 171 -17.87 -9.46 -11.04
C MET A 171 -17.28 -9.63 -12.42
N ASN A 172 -16.94 -8.57 -13.06
CA ASN A 172 -16.22 -8.65 -14.31
C ASN A 172 -14.81 -9.15 -14.12
N ASP A 173 -14.32 -9.82 -15.24
CA ASP A 173 -12.91 -10.06 -15.11
C ASP A 173 -12.16 -8.73 -15.04
N GLY A 174 -10.92 -8.72 -14.46
CA GLY A 174 -10.18 -7.50 -14.29
C GLY A 174 -10.62 -6.67 -13.08
N GLY A 175 -11.47 -7.26 -12.26
CA GLY A 175 -12.00 -6.59 -11.08
C GLY A 175 -11.01 -6.57 -9.91
N ARG A 176 -11.57 -6.09 -8.78
CA ARG A 176 -10.78 -5.71 -7.59
C ARG A 176 -11.59 -6.08 -6.39
N ILE A 177 -11.01 -6.76 -5.41
CA ILE A 177 -11.64 -6.96 -4.12
C ILE A 177 -10.63 -6.51 -3.09
N ILE A 178 -11.07 -5.60 -2.25
CA ILE A 178 -10.22 -4.93 -1.19
C ILE A 178 -10.84 -5.13 0.15
N HIS A 179 -10.18 -5.86 1.02
CA HIS A 179 -10.64 -6.05 2.39
C HIS A 179 -9.98 -5.00 3.28
N ILE A 180 -10.68 -4.47 4.25
CA ILE A 180 -10.12 -3.57 5.23
C ILE A 180 -9.84 -4.31 6.52
N GLY A 181 -8.60 -4.69 6.71
CA GLY A 181 -8.13 -5.41 7.91
C GLY A 181 -7.65 -4.49 8.99
N SER A 182 -6.48 -4.77 9.59
CA SER A 182 -5.96 -3.91 10.64
C SER A 182 -4.49 -4.22 10.81
N THR A 183 -3.71 -3.22 11.22
CA THR A 183 -2.40 -3.38 11.67
C THR A 183 -2.29 -4.29 12.90
N ASN A 184 -3.36 -4.42 13.67
CA ASN A 184 -3.33 -5.46 14.75
C ASN A 184 -3.23 -6.87 14.32
N ALA A 185 -3.24 -7.15 13.03
CA ALA A 185 -2.87 -8.48 12.50
C ALA A 185 -1.39 -8.72 12.70
N GLU A 186 -0.60 -7.66 12.75
CA GLU A 186 0.87 -7.72 12.85
C GLU A 186 1.45 -7.32 14.14
N ARG A 187 0.84 -6.39 14.88
CA ARG A 187 1.35 -5.85 16.14
C ARG A 187 0.18 -5.75 17.09
N VAL A 188 0.24 -6.45 18.25
CA VAL A 188 -0.78 -6.37 19.29
C VAL A 188 -0.02 -5.93 20.59
N PRO A 189 0.09 -4.62 20.83
CA PRO A 189 0.94 -4.16 21.93
C PRO A 189 0.37 -4.31 23.30
N PHE A 190 -0.94 -4.48 23.43
CA PHE A 190 -1.63 -4.47 24.75
C PHE A 190 -2.63 -5.61 24.87
N GLY A 191 -3.04 -5.92 26.10
CA GLY A 191 -4.11 -6.88 26.31
C GLY A 191 -5.46 -6.45 25.79
N GLY A 192 -6.37 -7.36 25.65
CA GLY A 192 -7.71 -7.06 25.31
C GLY A 192 -8.08 -7.15 23.85
N ALA A 193 -7.07 -7.35 23.02
CA ALA A 193 -7.27 -7.36 21.55
C ALA A 193 -7.19 -8.73 20.95
N ALA A 194 -7.22 -9.82 21.68
CA ALA A 194 -7.02 -11.10 21.13
C ALA A 194 -8.03 -11.48 20.06
N VAL A 195 -9.33 -11.35 20.32
CA VAL A 195 -10.27 -11.73 19.33
C VAL A 195 -10.31 -10.71 18.21
N TYR A 196 -10.20 -9.46 18.45
CA TYR A 196 -10.16 -8.43 17.39
C TYR A 196 -8.99 -8.78 16.46
N ALA A 197 -7.78 -9.02 17.02
CA ALA A 197 -6.60 -9.27 16.18
C ALA A 197 -6.78 -10.59 15.45
N MET A 198 -7.31 -11.63 16.06
CA MET A 198 -7.64 -12.90 15.40
C MET A 198 -8.46 -12.58 14.18
N SER A 199 -9.54 -11.79 14.33
CA SER A 199 -10.47 -11.57 13.24
C SER A 199 -9.83 -10.82 12.12
N LYS A 200 -8.80 -10.02 12.34
CA LYS A 200 -8.15 -9.24 11.32
C LYS A 200 -6.99 -9.99 10.72
N SER A 201 -6.27 -10.81 11.46
CA SER A 201 -5.23 -11.65 10.86
C SER A 201 -5.85 -12.77 10.00
N ALA A 202 -7.15 -13.12 10.27
CA ALA A 202 -7.88 -14.00 9.40
C ALA A 202 -7.84 -13.52 7.94
N LEU A 203 -7.79 -12.26 7.78
CA LEU A 203 -7.86 -11.70 6.44
C LEU A 203 -6.61 -11.98 5.64
N VAL A 204 -5.51 -12.23 6.27
CA VAL A 204 -4.25 -12.47 5.58
C VAL A 204 -4.34 -13.75 4.75
N GLY A 205 -4.80 -14.84 5.37
CA GLY A 205 -4.94 -16.07 4.64
C GLY A 205 -6.11 -16.07 3.66
N LEU A 206 -7.19 -15.37 3.99
CA LEU A 206 -8.30 -15.18 3.05
C LEU A 206 -7.81 -14.51 1.81
N THR A 207 -6.99 -13.48 1.92
CA THR A 207 -6.51 -12.70 0.83
C THR A 207 -5.64 -13.55 -0.05
N LYS A 208 -4.73 -14.27 0.54
CA LYS A 208 -3.83 -15.12 -0.24
C LYS A 208 -4.64 -16.14 -1.02
N GLY A 209 -5.56 -16.80 -0.36
CA GLY A 209 -6.25 -17.90 -1.05
C GLY A 209 -7.23 -17.37 -2.07
N MET A 210 -7.91 -16.27 -1.83
CA MET A 210 -8.80 -15.66 -2.80
C MET A 210 -8.05 -15.16 -3.98
N ALA A 211 -6.83 -14.64 -3.81
CA ALA A 211 -5.99 -14.19 -4.92
C ALA A 211 -5.69 -15.36 -5.86
N ARG A 212 -5.41 -16.52 -5.28
CA ARG A 212 -5.19 -17.72 -6.11
C ARG A 212 -6.44 -18.09 -6.83
N ASP A 213 -7.58 -18.07 -6.18
CA ASP A 213 -8.82 -18.46 -6.83
C ASP A 213 -9.18 -17.57 -7.95
N LEU A 214 -8.98 -16.27 -7.80
CA LEU A 214 -9.63 -15.27 -8.71
C LEU A 214 -8.57 -14.72 -9.70
N GLY A 215 -7.28 -15.02 -9.49
CA GLY A 215 -6.24 -14.60 -10.38
C GLY A 215 -6.45 -14.99 -11.86
N PRO A 216 -6.93 -16.20 -12.11
CA PRO A 216 -7.14 -16.53 -13.56
C PRO A 216 -8.20 -15.64 -14.24
N ARG A 217 -8.98 -14.95 -13.50
CA ARG A 217 -9.92 -13.97 -14.01
C ARG A 217 -9.31 -12.53 -14.06
N SER A 218 -8.13 -12.38 -13.62
CA SER A 218 -7.45 -11.11 -13.56
C SER A 218 -8.15 -10.23 -12.45
N ILE A 219 -8.76 -10.83 -11.47
CA ILE A 219 -9.32 -10.10 -10.33
C ILE A 219 -8.24 -10.09 -9.22
N THR A 220 -7.89 -8.87 -8.78
CA THR A 220 -6.92 -8.78 -7.66
C THR A 220 -7.66 -8.81 -6.34
N VAL A 221 -6.94 -9.30 -5.32
CA VAL A 221 -7.53 -9.40 -3.95
C VAL A 221 -6.47 -8.92 -3.02
N ASN A 222 -6.73 -7.88 -2.23
CA ASN A 222 -5.78 -7.27 -1.31
C ASN A 222 -6.39 -6.94 0.01
N ASN A 223 -5.54 -6.88 1.04
CA ASN A 223 -5.94 -6.61 2.45
C ASN A 223 -5.26 -5.31 2.87
N VAL A 224 -5.97 -4.20 2.97
CA VAL A 224 -5.45 -2.94 3.46
C VAL A 224 -5.51 -2.94 4.97
N GLN A 225 -4.36 -2.76 5.65
CA GLN A 225 -4.26 -2.86 7.11
C GLN A 225 -4.05 -1.47 7.74
N PRO A 226 -5.12 -0.78 8.11
CA PRO A 226 -4.92 0.54 8.72
C PRO A 226 -4.48 0.47 10.14
N GLY A 227 -3.82 1.52 10.56
CA GLY A 227 -3.65 1.88 11.96
C GLY A 227 -4.81 2.70 12.47
N PRO A 228 -4.56 3.44 13.60
CA PRO A 228 -5.53 4.32 14.08
C PRO A 228 -5.92 5.40 13.05
N VAL A 229 -7.20 5.65 12.91
CA VAL A 229 -7.76 6.64 11.99
C VAL A 229 -8.78 7.47 12.77
N ASP A 230 -8.76 8.77 12.52
CA ASP A 230 -9.63 9.69 13.28
C ASP A 230 -11.07 9.56 12.82
N THR A 231 -11.89 8.89 13.65
CA THR A 231 -13.32 8.76 13.31
C THR A 231 -14.13 9.14 14.53
N GLU A 232 -15.42 9.33 14.33
CA GLU A 232 -16.21 9.84 15.39
C GLU A 232 -16.28 8.82 16.56
N MET A 233 -16.25 7.49 16.33
CA MET A 233 -16.15 6.53 17.42
C MET A 233 -14.76 6.14 17.94
N ASN A 234 -13.74 6.49 17.14
CA ASN A 234 -12.34 6.36 17.57
C ASN A 234 -11.61 7.64 17.27
N PRO A 235 -11.89 8.70 18.06
CA PRO A 235 -11.39 9.97 17.66
C PRO A 235 -9.93 10.13 18.08
N ASP A 236 -9.24 10.95 17.34
CA ASP A 236 -7.84 11.40 17.78
C ASP A 236 -8.01 12.47 18.86
N ALA A 237 -8.24 11.97 20.05
CA ALA A 237 -8.50 12.82 21.23
C ALA A 237 -8.41 11.91 22.45
N GLY A 238 -7.88 12.48 23.56
CA GLY A 238 -7.86 11.74 24.83
C GLY A 238 -6.60 10.94 25.08
N GLU A 239 -6.58 10.28 26.23
CA GLU A 239 -5.32 9.63 26.68
C GLU A 239 -4.90 8.45 25.87
N TYR A 240 -5.86 7.62 25.52
CA TYR A 240 -5.59 6.38 24.78
C TYR A 240 -5.03 6.77 23.40
N ALA A 241 -5.56 7.82 22.77
CA ALA A 241 -5.03 8.30 21.46
C ALA A 241 -3.58 8.70 21.58
N ASP A 242 -3.20 9.48 22.61
CA ASP A 242 -1.79 9.85 22.86
C ASP A 242 -0.89 8.65 23.04
N GLN A 243 -1.36 7.64 23.74
CA GLN A 243 -0.53 6.42 23.98
C GLN A 243 -0.32 5.63 22.69
N LEU A 244 -1.32 5.63 21.81
CA LEU A 244 -1.23 4.91 20.55
C LEU A 244 -0.28 5.69 19.72
N LYS A 245 -0.36 7.03 19.65
CA LYS A 245 0.53 7.82 18.85
C LYS A 245 2.01 7.66 19.21
N GLN A 246 2.24 7.35 20.46
CA GLN A 246 3.60 7.12 20.89
C GLN A 246 4.19 5.85 20.28
N LEU A 247 3.38 4.89 19.89
CA LEU A 247 3.87 3.67 19.26
C LEU A 247 4.00 3.86 17.75
N MET A 248 3.62 5.01 17.21
CA MET A 248 3.63 5.23 15.74
C MET A 248 4.87 6.01 15.41
N ALA A 249 5.44 5.73 14.25
CA ALA A 249 6.58 6.49 13.81
C ALA A 249 6.22 7.84 13.39
N ILE A 250 5.04 8.02 12.79
CA ILE A 250 4.43 9.32 12.37
C ILE A 250 3.90 10.24 13.49
N GLY A 251 3.61 9.73 14.65
CA GLY A 251 2.97 10.58 15.67
C GLY A 251 1.61 11.25 15.47
N ARG A 252 0.71 10.72 14.62
CA ARG A 252 -0.55 11.27 14.39
C ARG A 252 -1.50 10.14 13.95
N TYR A 253 -2.75 10.22 14.19
CA TYR A 253 -3.74 9.37 13.56
C TYR A 253 -3.81 9.60 12.05
N GLY A 254 -4.20 8.52 11.38
CA GLY A 254 -4.48 8.62 9.95
C GLY A 254 -5.83 9.31 9.71
N LYS A 255 -6.01 9.79 8.52
CA LYS A 255 -7.25 10.42 8.10
C LYS A 255 -8.04 9.51 7.23
N ASP A 256 -9.38 9.55 7.31
CA ASP A 256 -10.21 8.79 6.47
C ASP A 256 -9.89 8.93 4.99
N GLU A 257 -9.58 10.13 4.53
CA GLU A 257 -9.27 10.36 3.15
C GLU A 257 -8.02 9.70 2.74
N GLU A 258 -7.08 9.49 3.66
CA GLU A 258 -5.78 8.80 3.32
C GLU A 258 -6.06 7.33 3.10
N ILE A 259 -6.92 6.68 3.90
CA ILE A 259 -7.31 5.33 3.64
C ILE A 259 -8.02 5.26 2.35
N ALA A 260 -8.96 6.19 2.10
CA ALA A 260 -9.68 6.17 0.81
C ALA A 260 -8.78 6.37 -0.37
N GLY A 261 -7.73 7.11 -0.29
CA GLY A 261 -6.79 7.33 -1.41
C GLY A 261 -6.06 6.02 -1.70
N PHE A 262 -5.72 5.26 -0.67
CA PHE A 262 -4.99 4.01 -0.90
C PHE A 262 -5.93 3.00 -1.53
N VAL A 263 -7.16 2.85 -0.99
CA VAL A 263 -8.15 1.96 -1.57
C VAL A 263 -8.40 2.35 -3.03
N ALA A 264 -8.54 3.65 -3.36
CA ALA A 264 -8.84 4.04 -4.74
C ALA A 264 -7.66 3.67 -5.66
N TYR A 265 -6.42 3.79 -5.21
CA TYR A 265 -5.26 3.38 -6.01
C TYR A 265 -5.32 1.89 -6.30
N LEU A 266 -5.60 1.09 -5.24
CA LEU A 266 -5.69 -0.34 -5.41
C LEU A 266 -6.87 -0.77 -6.30
N ALA A 267 -7.92 0.00 -6.32
CA ALA A 267 -9.12 -0.28 -7.16
C ALA A 267 -8.97 0.06 -8.57
N GLY A 268 -7.91 0.80 -8.92
CA GLY A 268 -7.75 1.41 -10.20
C GLY A 268 -6.93 0.63 -11.23
N PRO A 269 -6.71 1.25 -12.37
CA PRO A 269 -6.08 0.59 -13.50
C PRO A 269 -4.57 0.43 -13.38
N GLN A 270 -3.96 1.09 -12.43
CA GLN A 270 -2.51 0.89 -12.24
C GLN A 270 -2.13 -0.18 -11.29
N ALA A 271 -3.13 -0.88 -10.68
CA ALA A 271 -2.88 -1.79 -9.61
C ALA A 271 -3.19 -3.21 -9.95
N GLY A 272 -3.23 -3.59 -11.25
CA GLY A 272 -3.57 -5.00 -11.64
C GLY A 272 -2.53 -6.02 -11.29
N TYR A 273 -1.33 -5.60 -10.90
CA TYR A 273 -0.26 -6.55 -10.54
C TYR A 273 -0.21 -6.78 -9.03
N ILE A 274 -0.87 -5.92 -8.28
CA ILE A 274 -0.91 -6.02 -6.81
C ILE A 274 -1.98 -7.01 -6.41
N THR A 275 -1.62 -8.19 -5.93
CA THR A 275 -2.66 -9.11 -5.46
C THR A 275 -2.07 -10.07 -4.46
N GLY A 276 -2.92 -10.53 -3.58
CA GLY A 276 -2.55 -11.35 -2.47
C GLY A 276 -1.92 -10.68 -1.28
N ALA A 277 -1.80 -9.38 -1.35
CA ALA A 277 -0.92 -8.64 -0.42
C ALA A 277 -1.67 -8.17 0.78
N SER A 278 -0.98 -8.08 1.88
CA SER A 278 -1.44 -7.37 3.10
C SER A 278 -0.58 -6.13 3.19
N LEU A 279 -1.21 -4.96 3.09
CA LEU A 279 -0.60 -3.67 2.77
C LEU A 279 -0.87 -2.72 3.96
N SER A 280 0.16 -2.44 4.73
CA SER A 280 0.00 -1.59 5.93
C SER A 280 -0.01 -0.13 5.65
N ILE A 281 -0.99 0.56 6.26
CA ILE A 281 -1.09 2.01 6.18
C ILE A 281 -1.43 2.43 7.63
N ASP A 282 -0.39 2.57 8.42
CA ASP A 282 -0.50 2.58 9.87
C ASP A 282 0.39 3.52 10.58
N GLY A 283 1.00 4.48 9.87
CA GLY A 283 1.84 5.42 10.55
C GLY A 283 3.07 4.82 11.16
N GLY A 284 3.41 3.60 10.77
CA GLY A 284 4.55 2.92 11.40
C GLY A 284 4.21 2.26 12.71
N PHE A 285 2.93 2.11 13.06
CA PHE A 285 2.56 1.36 14.26
C PHE A 285 3.23 0.02 14.39
N SER A 286 3.23 -0.70 13.28
CA SER A 286 3.77 -2.05 13.26
C SER A 286 5.20 -2.15 12.83
N ALA A 287 5.92 -1.08 12.75
CA ALA A 287 7.42 -1.23 12.49
C ALA A 287 8.19 -2.00 13.61
N HIS B 43 -0.18 17.22 -11.79
CA HIS B 43 1.24 17.32 -11.24
C HIS B 43 1.28 17.28 -9.74
N PRO B 44 1.02 16.08 -9.14
CA PRO B 44 1.02 15.94 -7.71
C PRO B 44 2.36 16.17 -7.06
N LEU B 45 3.46 16.16 -7.84
CA LEU B 45 4.84 16.40 -7.36
C LEU B 45 5.40 17.70 -7.82
N GLN B 46 4.52 18.64 -8.22
CA GLN B 46 5.01 19.93 -8.56
C GLN B 46 5.83 20.53 -7.41
N GLY B 47 6.93 21.14 -7.78
CA GLY B 47 7.86 21.74 -6.86
C GLY B 47 8.78 20.82 -6.05
N LYS B 48 8.56 19.51 -6.17
CA LYS B 48 9.32 18.53 -5.35
C LYS B 48 10.61 18.13 -6.08
N VAL B 49 11.56 17.64 -5.30
CA VAL B 49 12.89 17.24 -5.77
C VAL B 49 13.10 15.76 -5.42
N ALA B 50 13.39 14.95 -6.42
CA ALA B 50 13.63 13.49 -6.27
C ALA B 50 14.99 13.06 -6.68
N PHE B 51 15.56 12.10 -6.01
CA PHE B 51 16.81 11.41 -6.35
C PHE B 51 16.49 9.93 -6.59
N VAL B 52 16.87 9.34 -7.71
CA VAL B 52 16.61 7.93 -8.00
C VAL B 52 17.98 7.29 -8.17
N GLN B 53 18.33 6.39 -7.29
CA GLN B 53 19.53 5.58 -7.44
C GLN B 53 19.22 4.48 -8.37
N GLY B 54 19.75 4.44 -9.57
CA GLY B 54 19.52 3.42 -10.58
C GLY B 54 18.31 3.82 -11.39
N GLY B 55 18.42 4.83 -12.25
CA GLY B 55 17.34 5.36 -13.01
C GLY B 55 17.47 5.32 -14.51
N SER B 56 18.46 4.50 -15.00
CA SER B 56 18.76 4.49 -16.44
C SER B 56 18.08 3.45 -17.27
N ARG B 57 17.50 2.38 -16.72
CA ARG B 57 16.71 1.51 -17.58
C ARG B 57 15.64 0.79 -16.74
N GLY B 58 14.81 0.02 -17.43
CA GLY B 58 13.77 -0.80 -16.76
C GLY B 58 12.93 0.02 -15.77
N ILE B 59 12.75 -0.60 -14.63
CA ILE B 59 11.95 0.01 -13.57
C ILE B 59 12.49 1.40 -13.22
N GLY B 60 13.82 1.54 -13.15
CA GLY B 60 14.43 2.79 -12.74
C GLY B 60 14.12 3.88 -13.71
N ALA B 61 14.23 3.60 -15.00
CA ALA B 61 13.88 4.59 -15.96
C ALA B 61 12.37 4.96 -15.95
N ALA B 62 11.49 3.94 -15.73
CA ALA B 62 10.09 4.20 -15.58
C ALA B 62 9.76 5.06 -14.36
N ILE B 63 10.52 4.85 -13.29
CA ILE B 63 10.36 5.69 -12.09
C ILE B 63 10.75 7.14 -12.37
N VAL B 64 11.91 7.34 -12.98
CA VAL B 64 12.37 8.69 -13.34
C VAL B 64 11.28 9.38 -14.22
N LYS B 65 10.84 8.70 -15.26
CA LYS B 65 9.85 9.26 -16.17
C LYS B 65 8.55 9.65 -15.48
N ARG B 66 8.05 8.72 -14.63
CA ARG B 66 6.83 9.04 -13.94
C ARG B 66 6.94 10.20 -12.94
N LEU B 67 8.00 10.19 -12.13
CA LEU B 67 8.18 11.29 -11.20
C LEU B 67 8.29 12.64 -11.93
N ALA B 68 9.06 12.63 -13.04
CA ALA B 68 9.21 13.91 -13.80
C ALA B 68 7.89 14.31 -14.43
N SER B 69 7.11 13.34 -14.91
CA SER B 69 5.80 13.65 -15.51
C SER B 69 4.87 14.25 -14.54
N GLU B 70 5.01 13.98 -13.23
CA GLU B 70 4.18 14.53 -12.18
C GLU B 70 4.67 15.81 -11.63
N GLY B 71 5.76 16.33 -12.20
CA GLY B 71 6.28 17.66 -11.90
C GLY B 71 7.54 17.78 -11.04
N ALA B 72 8.10 16.61 -10.63
CA ALA B 72 9.31 16.67 -9.85
C ALA B 72 10.53 17.03 -10.68
N ALA B 73 11.50 17.62 -10.03
CA ALA B 73 12.88 17.65 -10.54
C ALA B 73 13.42 16.29 -10.17
N VAL B 74 14.15 15.66 -11.09
CA VAL B 74 14.67 14.31 -10.83
C VAL B 74 16.13 14.23 -11.13
N ALA B 75 16.98 13.91 -10.18
CA ALA B 75 18.34 13.52 -10.48
C ALA B 75 18.38 12.01 -10.34
N PHE B 76 19.13 11.34 -11.21
CA PHE B 76 19.27 9.85 -11.05
C PHE B 76 20.68 9.45 -11.34
N THR B 77 21.11 8.36 -10.77
CA THR B 77 22.38 7.65 -11.09
C THR B 77 22.14 6.51 -12.04
N TYR B 78 23.16 6.24 -12.86
CA TYR B 78 23.09 5.15 -13.83
C TYR B 78 24.50 5.03 -14.38
N ALA B 89 33.32 11.18 -12.81
CA ALA B 89 32.42 12.38 -12.66
C ALA B 89 31.77 12.90 -13.85
N SER B 90 30.54 12.35 -14.24
CA SER B 90 29.91 12.77 -15.44
C SER B 90 28.43 12.91 -15.24
N ALA B 91 27.82 13.90 -15.91
CA ALA B 91 26.39 14.10 -15.94
C ALA B 91 25.92 14.67 -17.24
N VAL B 92 24.60 14.53 -17.53
CA VAL B 92 23.98 15.08 -18.70
C VAL B 92 22.65 15.67 -18.25
N THR B 93 22.26 16.76 -18.87
CA THR B 93 20.96 17.39 -18.65
C THR B 93 20.59 18.23 -19.84
N THR B 94 19.40 18.84 -19.79
CA THR B 94 18.91 19.71 -20.87
C THR B 94 18.75 21.14 -20.31
N ALA B 95 19.03 22.12 -21.16
CA ALA B 95 18.83 23.51 -20.72
C ALA B 95 17.34 23.72 -20.51
N GLY B 96 17.00 24.22 -19.31
CA GLY B 96 15.64 24.45 -18.95
C GLY B 96 14.93 23.25 -18.41
N GLY B 97 15.61 22.08 -18.44
CA GLY B 97 15.05 20.81 -18.03
C GLY B 97 15.25 20.65 -16.54
N LYS B 98 14.51 19.66 -16.04
CA LYS B 98 14.56 19.32 -14.64
C LYS B 98 14.93 17.89 -14.39
N VAL B 99 15.54 17.23 -15.35
CA VAL B 99 16.08 15.87 -15.18
C VAL B 99 17.59 15.85 -15.38
N LEU B 100 18.31 15.35 -14.43
CA LEU B 100 19.78 15.31 -14.38
C LEU B 100 20.23 13.89 -14.28
N ALA B 101 21.00 13.42 -15.23
CA ALA B 101 21.51 12.00 -15.23
C ALA B 101 22.94 11.95 -14.84
N ILE B 102 23.31 11.25 -13.79
CA ILE B 102 24.60 11.23 -13.22
C ILE B 102 25.21 9.85 -13.37
N LYS B 103 26.42 9.72 -13.94
CA LYS B 103 27.09 8.43 -14.02
C LYS B 103 28.05 8.41 -12.88
N ALA B 104 27.74 7.55 -12.00
CA ALA B 104 28.46 7.21 -10.90
C ALA B 104 27.87 5.79 -10.67
N ASP B 105 28.77 4.92 -10.31
CA ASP B 105 28.50 3.54 -9.82
C ASP B 105 28.03 3.40 -8.31
N SER B 106 27.05 2.47 -8.10
CA SER B 106 26.46 2.23 -6.80
C SER B 106 27.49 1.50 -5.83
N ALA B 107 28.79 1.32 -6.20
CA ALA B 107 29.82 0.71 -5.27
C ALA B 107 30.56 1.66 -4.27
N ASP B 108 30.85 2.92 -4.62
CA ASP B 108 31.80 3.71 -3.80
C ASP B 108 31.08 4.78 -2.94
N ALA B 109 31.23 4.71 -1.60
CA ALA B 109 30.33 5.48 -0.74
C ALA B 109 30.57 7.00 -0.95
N ALA B 110 31.80 7.43 -1.16
CA ALA B 110 32.06 8.87 -1.37
C ALA B 110 31.43 9.40 -2.67
N ALA B 111 31.46 8.65 -3.72
CA ALA B 111 30.90 8.94 -5.00
C ALA B 111 29.39 9.08 -4.90
N LEU B 112 28.76 8.17 -4.17
CA LEU B 112 27.33 8.15 -4.17
C LEU B 112 26.86 9.38 -3.40
N GLN B 113 27.55 9.63 -2.31
CA GLN B 113 27.37 10.80 -1.45
C GLN B 113 27.51 12.08 -2.32
N GLN B 114 28.57 12.19 -3.07
CA GLN B 114 28.77 13.27 -4.04
C GLN B 114 27.66 13.46 -5.05
N ALA B 115 27.07 12.40 -5.57
CA ALA B 115 26.01 12.50 -6.54
C ALA B 115 24.73 13.16 -5.88
N VAL B 116 24.45 12.69 -4.65
CA VAL B 116 23.35 13.27 -3.90
C VAL B 116 23.59 14.75 -3.72
N ARG B 117 24.79 15.11 -3.28
CA ARG B 117 25.05 16.50 -3.12
C ARG B 117 25.02 17.27 -4.42
N GLN B 118 25.40 16.70 -5.56
CA GLN B 118 25.25 17.34 -6.81
C GLN B 118 23.77 17.69 -7.11
N ALA B 119 22.90 16.74 -6.87
CA ALA B 119 21.50 16.97 -7.08
C ALA B 119 21.00 18.09 -6.21
N VAL B 120 21.43 18.15 -4.94
CA VAL B 120 20.99 19.23 -4.04
C VAL B 120 21.52 20.59 -4.50
N SER B 121 22.72 20.60 -5.06
CA SER B 121 23.25 21.85 -5.61
C SER B 121 22.34 22.37 -6.73
N HIS B 122 21.88 21.48 -7.63
CA HIS B 122 20.98 21.93 -8.68
C HIS B 122 19.62 22.38 -8.26
N PHE B 123 19.03 21.57 -7.37
CA PHE B 123 17.59 21.63 -7.14
C PHE B 123 17.13 22.03 -5.77
N GLY B 124 18.00 21.98 -4.79
CA GLY B 124 17.63 22.18 -3.39
C GLY B 124 17.55 20.89 -2.61
N ASN B 125 17.12 20.98 -1.35
CA ASN B 125 16.97 19.78 -0.59
C ASN B 125 16.00 18.83 -1.29
N LEU B 126 16.30 17.54 -1.03
CA LEU B 126 15.40 16.50 -1.55
C LEU B 126 14.12 16.43 -0.81
N ASP B 127 13.11 16.00 -1.56
CA ASP B 127 11.85 15.49 -1.00
C ASP B 127 11.73 14.00 -1.08
N ILE B 128 12.33 13.39 -2.08
CA ILE B 128 12.07 11.97 -2.46
C ILE B 128 13.42 11.36 -2.74
N LEU B 129 13.70 10.16 -2.16
CA LEU B 129 14.77 9.29 -2.63
C LEU B 129 14.14 7.93 -2.96
N VAL B 130 14.49 7.40 -4.09
CA VAL B 130 14.13 6.04 -4.47
C VAL B 130 15.41 5.26 -4.69
N ASN B 131 15.59 4.15 -3.95
CA ASN B 131 16.81 3.31 -4.06
C ASN B 131 16.42 2.11 -4.93
N ASN B 132 16.86 2.08 -6.11
CA ASN B 132 16.52 1.05 -7.13
C ASN B 132 17.74 0.44 -7.73
N ALA B 133 18.87 0.52 -7.18
CA ALA B 133 20.00 -0.23 -7.73
C ALA B 133 19.85 -1.68 -7.35
N GLY B 134 20.46 -2.57 -8.09
CA GLY B 134 20.10 -3.94 -7.79
C GLY B 134 20.96 -4.85 -8.64
N VAL B 135 21.54 -5.83 -7.99
CA VAL B 135 22.36 -6.89 -8.68
C VAL B 135 21.73 -8.24 -8.30
N TYR B 136 21.51 -9.11 -9.29
CA TYR B 136 20.77 -10.40 -9.15
C TYR B 136 21.69 -11.46 -9.71
N THR B 137 22.43 -12.18 -8.88
CA THR B 137 23.33 -13.25 -9.29
C THR B 137 22.97 -14.60 -8.60
N LEU B 138 22.74 -15.63 -9.38
CA LEU B 138 22.28 -16.88 -8.87
C LEU B 138 23.49 -17.76 -8.56
N GLY B 139 23.38 -18.50 -7.45
CA GLY B 139 24.40 -19.44 -7.08
C GLY B 139 23.99 -20.19 -5.82
N GLY B 140 24.25 -21.47 -5.78
CA GLY B 140 23.96 -22.26 -4.61
C GLY B 140 24.86 -21.89 -3.51
N THR B 141 24.43 -22.20 -2.29
CA THR B 141 25.24 -21.93 -1.10
C THR B 141 26.69 -22.51 -1.18
N GLU B 142 26.78 -23.75 -1.64
CA GLU B 142 28.09 -24.36 -1.73
C GLU B 142 29.07 -23.77 -2.80
N GLU B 143 28.49 -23.10 -3.79
CA GLU B 143 29.25 -22.68 -5.00
C GLU B 143 29.46 -21.20 -5.19
N LEU B 144 28.59 -20.37 -4.66
CA LEU B 144 28.66 -18.91 -4.97
C LEU B 144 30.00 -18.34 -4.67
N ALA B 145 30.60 -17.65 -5.64
CA ALA B 145 31.82 -16.96 -5.44
C ALA B 145 31.74 -15.83 -4.42
N LEU B 146 32.73 -15.65 -3.60
CA LEU B 146 32.72 -14.60 -2.58
C LEU B 146 32.66 -13.21 -3.27
N ASP B 147 33.20 -13.05 -4.46
CA ASP B 147 33.09 -11.75 -5.12
C ASP B 147 31.66 -11.44 -5.51
N ASP B 148 30.85 -12.43 -5.79
CA ASP B 148 29.45 -12.25 -6.15
C ASP B 148 28.62 -11.94 -4.87
N LEU B 149 28.92 -12.63 -3.78
CA LEU B 149 28.43 -12.28 -2.48
C LEU B 149 28.70 -10.82 -2.19
N ASP B 150 29.96 -10.40 -2.33
CA ASP B 150 30.36 -9.07 -1.99
C ASP B 150 29.73 -8.01 -2.89
N ARG B 151 29.52 -8.31 -4.14
CA ARG B 151 28.86 -7.37 -5.04
C ARG B 151 27.42 -7.20 -4.67
N MET B 152 26.69 -8.26 -4.37
CA MET B 152 25.32 -8.13 -3.99
C MET B 152 25.23 -7.38 -2.66
N LEU B 153 26.09 -7.60 -1.69
CA LEU B 153 26.04 -6.88 -0.44
C LEU B 153 26.32 -5.38 -0.72
N ALA B 154 27.29 -5.09 -1.54
CA ALA B 154 27.68 -3.68 -1.74
C ALA B 154 26.57 -2.92 -2.45
N VAL B 155 26.01 -3.45 -3.48
CA VAL B 155 24.99 -2.77 -4.24
C VAL B 155 23.62 -2.82 -3.60
N ASN B 156 23.17 -4.00 -3.15
CA ASN B 156 21.84 -4.17 -2.72
C ASN B 156 21.60 -3.74 -1.32
N VAL B 157 22.62 -3.65 -0.49
CA VAL B 157 22.48 -3.39 0.95
C VAL B 157 23.25 -2.15 1.25
N ARG B 158 24.59 -2.16 1.13
CA ARG B 158 25.41 -1.06 1.65
C ARG B 158 25.04 0.23 0.90
N SER B 159 24.96 0.23 -0.42
CA SER B 159 24.64 1.47 -1.18
C SER B 159 23.29 1.98 -0.90
N VAL B 160 22.36 1.10 -0.50
CA VAL B 160 21.03 1.59 -0.08
C VAL B 160 21.16 2.41 1.19
N PHE B 161 21.87 1.94 2.16
CA PHE B 161 22.06 2.73 3.40
C PHE B 161 22.86 4.00 3.09
N VAL B 162 23.91 3.91 2.30
CA VAL B 162 24.75 5.13 2.05
C VAL B 162 23.91 6.21 1.41
N ALA B 163 23.14 5.88 0.38
CA ALA B 163 22.29 6.89 -0.28
C ALA B 163 21.22 7.44 0.65
N SER B 164 20.63 6.57 1.47
CA SER B 164 19.62 6.96 2.40
C SER B 164 20.17 7.93 3.44
N GLN B 165 21.36 7.67 3.95
CA GLN B 165 21.96 8.55 4.93
C GLN B 165 22.25 9.93 4.34
N GLU B 166 22.82 9.99 3.18
CA GLU B 166 23.15 11.26 2.56
C GLU B 166 21.86 11.99 2.24
N ALA B 167 20.85 11.32 1.71
CA ALA B 167 19.60 11.96 1.46
C ALA B 167 18.95 12.51 2.69
N ALA B 168 18.97 11.74 3.76
CA ALA B 168 18.40 12.18 5.00
C ALA B 168 19.09 13.44 5.60
N ARG B 169 20.33 13.64 5.24
CA ARG B 169 21.12 14.83 5.66
C ARG B 169 20.63 16.03 4.90
N HIS B 170 19.98 15.88 3.77
CA HIS B 170 19.58 16.99 2.87
C HIS B 170 18.16 16.82 2.37
N MET B 171 17.24 16.67 3.28
CA MET B 171 15.85 16.32 2.94
C MET B 171 14.90 17.17 3.72
N ASN B 172 13.88 17.68 3.04
CA ASN B 172 12.82 18.44 3.72
C ASN B 172 12.02 17.56 4.62
N ASP B 173 11.55 18.06 5.74
CA ASP B 173 10.53 17.36 6.49
C ASP B 173 9.35 17.03 5.60
N GLY B 174 8.61 15.94 5.87
CA GLY B 174 7.61 15.51 4.96
C GLY B 174 8.07 14.74 3.70
N GLY B 175 9.35 14.35 3.70
CA GLY B 175 9.95 13.62 2.59
C GLY B 175 9.56 12.19 2.58
N ARG B 176 10.18 11.49 1.62
CA ARG B 176 9.81 10.11 1.27
C ARG B 176 11.08 9.37 0.90
N ILE B 177 11.33 8.23 1.50
CA ILE B 177 12.41 7.33 1.05
C ILE B 177 11.75 6.00 0.65
N ILE B 178 11.99 5.53 -0.52
CA ILE B 178 11.41 4.30 -1.06
C ILE B 178 12.49 3.41 -1.52
N HIS B 179 12.63 2.28 -0.86
CA HIS B 179 13.57 1.26 -1.25
C HIS B 179 12.90 0.26 -2.22
N ILE B 180 13.56 -0.21 -3.21
CA ILE B 180 13.08 -1.24 -4.09
C ILE B 180 13.68 -2.57 -3.71
N GLY B 181 12.86 -3.38 -3.08
CA GLY B 181 13.23 -4.68 -2.54
C GLY B 181 12.88 -5.77 -3.52
N SER B 182 12.31 -6.89 -2.98
CA SER B 182 11.90 -7.98 -3.85
C SER B 182 10.94 -8.84 -3.00
N THR B 183 10.01 -9.43 -3.73
CA THR B 183 9.20 -10.54 -3.20
C THR B 183 9.96 -11.77 -2.76
N ASN B 184 11.22 -11.92 -3.22
CA ASN B 184 12.08 -12.96 -2.67
C ASN B 184 12.44 -12.77 -1.25
N ALA B 185 12.19 -11.61 -0.64
CA ALA B 185 12.35 -11.52 0.78
C ALA B 185 11.34 -12.35 1.53
N GLU B 186 10.18 -12.64 0.92
CA GLU B 186 9.12 -13.45 1.54
C GLU B 186 8.96 -14.83 0.96
N ARG B 187 9.27 -15.08 -0.28
CA ARG B 187 9.06 -16.40 -0.88
C ARG B 187 10.26 -16.66 -1.75
N VAL B 188 10.97 -17.75 -1.41
CA VAL B 188 12.14 -18.20 -2.16
C VAL B 188 11.81 -19.62 -2.62
N PRO B 189 11.17 -19.83 -3.76
CA PRO B 189 10.66 -21.18 -4.10
C PRO B 189 11.72 -22.16 -4.58
N PHE B 190 12.87 -21.68 -5.01
CA PHE B 190 13.85 -22.53 -5.70
C PHE B 190 15.24 -22.26 -5.15
N GLY B 191 16.17 -23.18 -5.42
CA GLY B 191 17.51 -22.97 -5.08
C GLY B 191 18.20 -21.89 -5.90
N GLY B 192 19.33 -21.43 -5.41
CA GLY B 192 20.14 -20.46 -6.14
C GLY B 192 20.05 -19.01 -5.71
N ALA B 193 19.01 -18.73 -4.90
CA ALA B 193 18.65 -17.33 -4.59
C ALA B 193 19.01 -16.97 -3.22
N ALA B 194 19.79 -17.71 -2.47
CA ALA B 194 19.94 -17.46 -1.02
C ALA B 194 20.53 -16.12 -0.80
N VAL B 195 21.63 -15.74 -1.42
CA VAL B 195 22.25 -14.44 -1.12
C VAL B 195 21.46 -13.28 -1.72
N TYR B 196 20.87 -13.43 -2.83
CA TYR B 196 19.98 -12.42 -3.44
C TYR B 196 18.83 -12.17 -2.43
N ALA B 197 18.17 -13.23 -1.99
CA ALA B 197 17.09 -13.08 -1.02
C ALA B 197 17.47 -12.49 0.29
N MET B 198 18.63 -12.84 0.78
CA MET B 198 19.23 -12.24 1.93
C MET B 198 19.40 -10.75 1.74
N SER B 199 19.90 -10.35 0.60
CA SER B 199 20.14 -8.90 0.36
C SER B 199 18.85 -8.15 0.33
N LYS B 200 17.77 -8.75 -0.12
CA LYS B 200 16.49 -8.12 -0.24
C LYS B 200 15.66 -8.20 1.05
N SER B 201 15.74 -9.29 1.82
CA SER B 201 15.13 -9.29 3.12
C SER B 201 15.76 -8.34 4.14
N ALA B 202 17.04 -7.99 3.87
CA ALA B 202 17.71 -6.97 4.64
C ALA B 202 16.92 -5.68 4.65
N LEU B 203 16.26 -5.36 3.58
CA LEU B 203 15.55 -4.06 3.48
C LEU B 203 14.38 -4.02 4.39
N VAL B 204 13.84 -5.14 4.86
CA VAL B 204 12.69 -5.12 5.73
C VAL B 204 13.08 -4.49 7.05
N GLY B 205 14.13 -4.92 7.74
CA GLY B 205 14.63 -4.34 8.95
C GLY B 205 15.09 -2.92 8.78
N LEU B 206 15.78 -2.68 7.67
CA LEU B 206 16.20 -1.30 7.38
C LEU B 206 15.06 -0.38 7.32
N THR B 207 14.01 -0.75 6.64
CA THR B 207 12.81 0.11 6.49
C THR B 207 12.16 0.40 7.80
N LYS B 208 11.96 -0.65 8.60
CA LYS B 208 11.35 -0.45 9.90
C LYS B 208 12.15 0.53 10.74
N GLY B 209 13.45 0.31 10.83
CA GLY B 209 14.27 1.16 11.69
C GLY B 209 14.44 2.57 11.17
N MET B 210 14.54 2.73 9.90
CA MET B 210 14.70 4.08 9.26
C MET B 210 13.38 4.81 9.44
N ALA B 211 12.23 4.13 9.40
CA ALA B 211 10.93 4.78 9.64
C ALA B 211 10.87 5.35 11.04
N ARG B 212 11.39 4.59 12.02
CA ARG B 212 11.43 5.09 13.39
C ARG B 212 12.37 6.27 13.45
N ASP B 213 13.54 6.25 12.80
CA ASP B 213 14.50 7.34 12.95
C ASP B 213 13.95 8.61 12.37
N LEU B 214 13.28 8.55 11.22
CA LEU B 214 12.94 9.74 10.43
C LEU B 214 11.51 10.17 10.63
N GLY B 215 10.66 9.38 11.33
CA GLY B 215 9.28 9.74 11.56
C GLY B 215 9.10 11.07 12.26
N PRO B 216 9.97 11.39 13.21
CA PRO B 216 9.80 12.72 13.88
C PRO B 216 9.87 13.86 12.90
N ARG B 217 10.51 13.72 11.74
CA ARG B 217 10.64 14.72 10.65
C ARG B 217 9.50 14.53 9.63
N SER B 218 8.53 13.62 9.90
CA SER B 218 7.44 13.32 9.02
C SER B 218 7.94 12.72 7.72
N ILE B 219 9.13 12.14 7.70
CA ILE B 219 9.67 11.50 6.46
C ILE B 219 9.21 10.02 6.53
N THR B 220 8.57 9.55 5.46
CA THR B 220 8.14 8.16 5.44
C THR B 220 9.26 7.33 4.79
N VAL B 221 9.28 6.05 5.15
CA VAL B 221 10.28 5.10 4.64
C VAL B 221 9.59 3.79 4.32
N ASN B 222 9.55 3.37 3.06
CA ASN B 222 8.83 2.13 2.68
C ASN B 222 9.66 1.33 1.76
N ASN B 223 9.31 0.07 1.67
CA ASN B 223 10.03 -0.93 0.86
C ASN B 223 9.05 -1.55 -0.16
N VAL B 224 9.14 -1.24 -1.40
CA VAL B 224 8.34 -1.76 -2.48
C VAL B 224 8.94 -3.07 -2.94
N GLN B 225 8.18 -4.16 -2.89
CA GLN B 225 8.73 -5.54 -3.21
C GLN B 225 8.17 -6.05 -4.51
N PRO B 226 8.84 -5.79 -5.62
CA PRO B 226 8.35 -6.38 -6.90
C PRO B 226 8.54 -7.85 -7.01
N GLY B 227 7.71 -8.42 -7.88
CA GLY B 227 7.88 -9.78 -8.40
C GLY B 227 8.46 -9.62 -9.76
N PRO B 228 8.31 -10.66 -10.63
CA PRO B 228 8.98 -10.63 -11.93
C PRO B 228 8.39 -9.49 -12.79
N VAL B 229 9.27 -8.76 -13.51
CA VAL B 229 8.86 -7.61 -14.33
C VAL B 229 9.46 -7.77 -15.74
N LEU B 247 3.88 -19.81 -10.12
CA LEU B 247 3.78 -19.17 -8.86
C LEU B 247 2.93 -17.94 -8.96
N MET B 248 2.61 -17.60 -10.11
CA MET B 248 2.05 -16.25 -10.23
C MET B 248 0.57 -16.36 -10.04
N ALA B 249 -0.19 -15.59 -9.40
CA ALA B 249 -1.64 -15.72 -9.35
C ALA B 249 -2.27 -15.12 -10.53
N ILE B 250 -1.77 -13.99 -10.99
CA ILE B 250 -2.40 -13.31 -12.19
C ILE B 250 -1.97 -13.82 -13.59
N GLY B 251 -0.95 -14.59 -13.75
CA GLY B 251 -0.77 -15.11 -15.17
C GLY B 251 -0.09 -14.18 -16.18
N ARG B 252 0.72 -13.28 -15.66
CA ARG B 252 1.59 -12.45 -16.45
C ARG B 252 2.63 -11.87 -15.50
N TYR B 253 3.71 -11.36 -16.07
CA TYR B 253 4.68 -10.57 -15.31
C TYR B 253 4.25 -9.13 -15.24
N GLY B 254 4.91 -8.40 -14.39
CA GLY B 254 4.53 -7.03 -14.19
C GLY B 254 5.19 -6.11 -15.24
N LYS B 255 4.66 -4.93 -15.34
CA LYS B 255 5.23 -3.93 -16.26
C LYS B 255 6.03 -2.95 -15.44
N ASP B 256 7.09 -2.42 -16.04
CA ASP B 256 7.91 -1.39 -15.35
C ASP B 256 7.08 -0.23 -14.93
N GLU B 257 6.15 0.20 -15.74
CA GLU B 257 5.32 1.35 -15.45
C GLU B 257 4.38 1.07 -14.26
N GLU B 258 4.00 -0.17 -13.99
CA GLU B 258 3.22 -0.49 -12.76
C GLU B 258 4.05 -0.35 -11.55
N ILE B 259 5.30 -0.76 -11.52
CA ILE B 259 6.12 -0.54 -10.39
C ILE B 259 6.27 0.95 -10.20
N ALA B 260 6.49 1.71 -11.26
CA ALA B 260 6.64 3.18 -11.15
C ALA B 260 5.42 3.85 -10.65
N GLY B 261 4.20 3.38 -10.95
CA GLY B 261 3.01 3.99 -10.45
C GLY B 261 2.86 3.75 -8.98
N PHE B 262 3.31 2.64 -8.45
CA PHE B 262 3.22 2.42 -7.00
C PHE B 262 4.23 3.31 -6.29
N VAL B 263 5.45 3.38 -6.79
CA VAL B 263 6.44 4.32 -6.20
C VAL B 263 5.92 5.74 -6.26
N ALA B 264 5.33 6.16 -7.37
CA ALA B 264 4.78 7.54 -7.43
C ALA B 264 3.65 7.80 -6.44
N TYR B 265 2.80 6.83 -6.22
CA TYR B 265 1.78 6.97 -5.19
C TYR B 265 2.46 7.18 -3.84
N LEU B 266 3.41 6.31 -3.47
CA LEU B 266 4.02 6.45 -2.18
C LEU B 266 4.83 7.70 -2.03
N ALA B 267 5.33 8.27 -3.10
CA ALA B 267 6.12 9.45 -3.09
C ALA B 267 5.28 10.73 -2.96
N GLY B 268 4.00 10.62 -3.12
CA GLY B 268 3.10 11.76 -3.22
C GLY B 268 2.47 12.19 -2.00
N PRO B 269 1.65 13.24 -2.13
CA PRO B 269 1.06 13.85 -0.95
C PRO B 269 -0.07 13.02 -0.29
N GLN B 270 -0.54 12.00 -0.91
CA GLN B 270 -1.56 11.20 -0.20
C GLN B 270 -1.01 10.10 0.65
N ALA B 271 0.30 9.92 0.71
CA ALA B 271 0.84 8.73 1.25
C ALA B 271 1.61 8.96 2.48
N GLY B 272 1.41 10.13 3.18
CA GLY B 272 2.15 10.43 4.40
C GLY B 272 1.92 9.57 5.61
N TYR B 273 0.91 8.73 5.61
CA TYR B 273 0.62 7.85 6.74
C TYR B 273 1.11 6.43 6.48
N ILE B 274 1.67 6.19 5.30
CA ILE B 274 2.29 4.89 5.01
C ILE B 274 3.76 4.96 5.33
N THR B 275 4.19 4.22 6.34
CA THR B 275 5.60 4.20 6.71
C THR B 275 6.00 2.94 7.39
N GLY B 276 7.23 2.53 7.16
CA GLY B 276 7.73 1.34 7.75
C GLY B 276 7.34 0.05 7.04
N ALA B 277 6.60 0.14 5.98
CA ALA B 277 5.93 -1.01 5.38
C ALA B 277 6.77 -1.64 4.31
N SER B 278 6.64 -2.93 4.17
CA SER B 278 7.10 -3.74 3.02
C SER B 278 5.87 -4.09 2.24
N LEU B 279 5.76 -3.60 1.01
CA LEU B 279 4.53 -3.52 0.23
C LEU B 279 4.79 -4.30 -1.05
N SER B 280 4.10 -5.44 -1.19
CA SER B 280 4.36 -6.34 -2.35
C SER B 280 3.54 -6.00 -3.56
N ILE B 281 4.21 -6.00 -4.70
CA ILE B 281 3.63 -5.79 -6.02
C ILE B 281 4.20 -6.87 -6.94
N ASP B 282 3.61 -8.04 -6.84
CA ASP B 282 4.27 -9.23 -7.29
C ASP B 282 3.33 -10.18 -8.02
N GLY B 283 2.15 -9.77 -8.44
CA GLY B 283 1.25 -10.67 -9.18
C GLY B 283 0.79 -11.83 -8.37
N GLY B 284 0.96 -11.83 -7.05
CA GLY B 284 0.63 -12.95 -6.22
C GLY B 284 1.66 -14.04 -6.09
N PHE B 285 2.87 -13.74 -6.59
CA PHE B 285 3.99 -14.70 -6.44
C PHE B 285 4.15 -15.21 -5.04
N SER B 286 4.10 -14.33 -4.05
CA SER B 286 4.33 -14.67 -2.66
C SER B 286 3.11 -15.17 -1.94
N ALA B 287 1.96 -15.22 -2.56
CA ALA B 287 0.74 -15.69 -1.81
C ALA B 287 0.78 -17.18 -1.18
#